data_5HLE
#
_entry.id   5HLE
#
_cell.length_a   112.858
_cell.length_b   112.858
_cell.length_c   72.110
_cell.angle_alpha   90.00
_cell.angle_beta   90.00
_cell.angle_gamma   120.00
#
_symmetry.space_group_name_H-M   'P 61'
#
loop_
_entity.id
_entity.type
_entity.pdbx_description
1 polymer 'Protein claret segregational,Minus-end kinesin-1/kinesin-14,Protein claret segregational'
2 non-polymer "ADENOSINE-5'-DIPHOSPHATE"
3 non-polymer 'MAGNESIUM ION'
4 water water
#
_entity_poly.entity_id   1
_entity_poly.type   'polypeptide(L)'
_entity_poly.pdbx_seq_one_letter_code
;KEQLFQSNMERKELHNTVMDLRGNIKVMCRFRPLNEAEILRGDKFIPKFKGEETVVIQGKPYVFDRVLPPNTTQEQVYNA
CAKQIVKDVLEGYNGTIFAYGQTSSGKTHTMEGKLHDPQLMGIIPRIAHDIFDHIYSMDENLEFAIKVSYFEIYLDKIRD
LLDVSKTNLAVHEDKNRVPYVKGCTERFVSSPEEVMDVIDEGKSNRHVAVTNMNEHSSRSHSIFLINIKQENVETEKKLS
GKLYLVDLAGSEKVSKTGAEGAVLDEAKNINKSLSALGNVISALAEGTTHVPYRDSKMTRILQDSLGGNCRTTIVICCSP
SVFNEAETKSTLMFAASVNSCKMTKAKRNRYLNNSVANSSTQSNNSGSFDK
;
_entity_poly.pdbx_strand_id   A
#
loop_
_chem_comp.id
_chem_comp.type
_chem_comp.name
_chem_comp.formula
ADP non-polymer ADENOSINE-5'-DIPHOSPHATE 'C10 H15 N5 O10 P2'
MG non-polymer 'MAGNESIUM ION' 'Mg 2'
#
# COMPACT_ATOMS: atom_id res chain seq x y z
CA ASN A 16 19.20 2.94 0.59
C ASN A 16 20.01 4.25 0.67
N THR A 17 20.45 4.73 -0.49
CA THR A 17 21.13 6.03 -0.59
C THR A 17 20.15 7.19 -0.32
N VAL A 18 18.88 6.83 -0.14
CA VAL A 18 17.79 7.77 0.20
C VAL A 18 16.88 7.19 1.32
N MET A 19 17.52 6.53 2.29
CA MET A 19 16.81 5.97 3.40
C MET A 19 17.76 5.90 4.58
N ASP A 20 17.40 6.63 5.61
CA ASP A 20 18.23 6.78 6.77
C ASP A 20 18.24 5.53 7.69
N LEU A 21 17.07 5.01 8.08
CA LEU A 21 16.93 4.36 9.41
C LEU A 21 15.79 3.36 9.66
N ARG A 22 16.16 2.10 10.00
CA ARG A 22 15.27 0.91 10.24
C ARG A 22 13.79 1.11 10.54
N GLY A 23 12.99 0.86 9.51
CA GLY A 23 11.66 1.41 9.32
C GLY A 23 11.39 1.23 7.83
N ASN A 24 11.39 2.26 6.98
CA ASN A 24 11.66 3.66 7.30
C ASN A 24 10.38 4.38 7.11
N ILE A 25 9.56 4.32 8.14
CA ILE A 25 8.17 4.69 8.05
C ILE A 25 7.94 6.16 7.79
N LYS A 26 7.26 6.46 6.69
CA LYS A 26 6.78 7.81 6.42
C LYS A 26 5.26 7.74 6.38
N VAL A 27 4.61 8.75 6.95
CA VAL A 27 3.15 8.83 6.87
C VAL A 27 2.75 10.05 6.05
N MET A 28 1.83 9.84 5.11
CA MET A 28 1.36 10.93 4.26
C MET A 28 -0.15 11.00 4.28
N CYS A 29 -0.69 12.15 3.91
CA CYS A 29 -2.09 12.39 4.14
C CYS A 29 -2.83 12.96 2.94
N ARG A 30 -3.49 12.12 2.15
CA ARG A 30 -4.19 12.64 0.99
C ARG A 30 -5.62 12.96 1.29
N PHE A 31 -5.95 14.25 1.26
CA PHE A 31 -7.32 14.70 1.32
C PHE A 31 -7.85 14.73 -0.11
N ARG A 32 -9.06 14.23 -0.29
CA ARG A 32 -9.67 14.16 -1.61
C ARG A 32 -10.62 15.33 -1.79
N PRO A 33 -10.97 15.65 -3.03
CA PRO A 33 -11.93 16.71 -3.26
C PRO A 33 -13.34 16.35 -2.82
N LEU A 34 -14.13 17.33 -2.41
CA LEU A 34 -15.55 17.14 -2.18
C LEU A 34 -16.20 16.67 -3.48
N ASN A 35 -17.04 15.65 -3.40
CA ASN A 35 -17.66 15.12 -4.62
C ASN A 35 -19.04 15.72 -4.90
N GLU A 36 -19.68 15.23 -5.96
CA GLU A 36 -20.95 15.74 -6.46
C GLU A 36 -22.03 15.74 -5.39
N ALA A 37 -22.15 14.64 -4.66
CA ALA A 37 -23.05 14.58 -3.52
C ALA A 37 -22.73 15.68 -2.54
N GLU A 38 -21.49 15.66 -2.05
CA GLU A 38 -21.08 16.51 -0.96
C GLU A 38 -21.25 18.00 -1.27
N ILE A 39 -21.07 18.38 -2.53
CA ILE A 39 -21.22 19.78 -2.90
C ILE A 39 -22.70 20.18 -2.97
N LEU A 40 -23.53 19.36 -3.62
CA LEU A 40 -24.99 19.56 -3.64
C LEU A 40 -25.57 19.82 -2.24
N ARG A 41 -25.48 18.82 -1.37
CA ARG A 41 -25.65 18.92 0.08
C ARG A 41 -25.10 20.20 0.68
N GLY A 42 -24.05 20.73 0.08
CA GLY A 42 -23.41 21.93 0.59
C GLY A 42 -22.55 21.66 1.80
N ASP A 43 -21.86 20.51 1.78
CA ASP A 43 -20.92 20.16 2.85
C ASP A 43 -19.96 21.29 3.15
N LYS A 44 -19.91 21.69 4.41
CA LYS A 44 -18.82 22.52 4.87
C LYS A 44 -17.50 21.78 4.58
N PHE A 45 -16.40 22.51 4.61
CA PHE A 45 -15.09 22.01 4.21
C PHE A 45 -14.08 22.26 5.32
N ILE A 46 -13.78 21.23 6.11
CA ILE A 46 -13.09 21.44 7.40
C ILE A 46 -11.54 21.53 7.50
N PRO A 47 -10.79 21.09 6.47
CA PRO A 47 -9.35 21.05 6.78
C PRO A 47 -8.65 22.32 6.33
N LYS A 48 -7.59 22.64 7.07
CA LYS A 48 -6.81 23.84 6.82
C LYS A 48 -5.38 23.40 6.59
N PHE A 49 -4.72 23.95 5.59
CA PHE A 49 -3.37 23.51 5.25
C PHE A 49 -2.28 24.54 5.45
N LYS A 50 -1.59 24.42 6.59
CA LYS A 50 -0.33 25.11 6.79
C LYS A 50 0.82 24.27 6.20
N GLY A 51 1.39 24.77 5.10
CA GLY A 51 2.64 24.24 4.62
C GLY A 51 2.52 22.89 3.92
N GLU A 52 3.67 22.25 3.70
CA GLU A 52 3.73 21.01 2.94
C GLU A 52 3.56 19.76 3.82
N GLU A 53 3.24 19.95 5.10
CA GLU A 53 3.30 18.86 6.07
C GLU A 53 2.26 18.92 7.20
N THR A 54 1.46 19.99 7.25
CA THR A 54 0.60 20.20 8.42
C THR A 54 -0.85 20.40 8.02
N VAL A 55 -1.75 19.91 8.86
CA VAL A 55 -3.17 20.03 8.60
C VAL A 55 -3.96 20.25 9.91
N VAL A 56 -4.96 21.12 9.85
CA VAL A 56 -5.73 21.51 11.03
C VAL A 56 -7.25 21.44 10.84
N ILE A 57 -7.92 21.09 11.92
CA ILE A 57 -9.38 21.06 12.07
C ILE A 57 -9.68 21.42 13.51
N GLN A 58 -10.45 22.48 13.72
CA GLN A 58 -10.85 22.88 15.09
C GLN A 58 -9.72 23.34 16.02
N GLY A 59 -8.55 22.71 15.95
CA GLY A 59 -7.45 23.04 16.82
C GLY A 59 -6.40 21.95 17.05
N LYS A 60 -5.17 22.43 17.28
CA LYS A 60 -3.91 21.67 17.42
C LYS A 60 -3.65 20.74 16.23
N PRO A 61 -2.47 20.91 15.61
CA PRO A 61 -2.11 20.38 14.30
C PRO A 61 -1.90 18.87 14.25
N TYR A 62 -1.81 18.39 13.01
CA TYR A 62 -1.28 17.08 12.75
C TYR A 62 -0.10 17.24 11.81
N VAL A 63 1.03 16.69 12.20
CA VAL A 63 2.24 16.82 11.40
C VAL A 63 2.56 15.51 10.72
N PHE A 64 2.77 15.58 9.41
CA PHE A 64 3.12 14.42 8.62
C PHE A 64 4.37 14.69 7.83
N ASP A 65 4.89 13.64 7.19
CA ASP A 65 6.00 13.83 6.29
C ASP A 65 5.52 14.68 5.14
N ARG A 66 4.24 14.54 4.82
CA ARG A 66 3.64 15.25 3.71
C ARG A 66 2.14 15.28 3.82
N VAL A 67 1.55 16.43 3.51
CA VAL A 67 0.10 16.52 3.37
C VAL A 67 -0.24 16.78 1.91
N LEU A 68 -1.22 16.06 1.38
CA LEU A 68 -1.59 16.21 -0.03
C LEU A 68 -3.02 16.70 -0.09
N PRO A 69 -3.20 17.98 -0.37
CA PRO A 69 -4.53 18.60 -0.46
C PRO A 69 -5.35 18.07 -1.65
N PRO A 70 -6.66 18.36 -1.69
CA PRO A 70 -7.55 17.91 -2.76
C PRO A 70 -7.03 18.09 -4.17
N ASN A 71 -6.24 19.13 -4.41
CA ASN A 71 -5.78 19.43 -5.75
C ASN A 71 -4.71 18.50 -6.26
N THR A 72 -4.05 17.74 -5.38
CA THR A 72 -2.88 16.97 -5.79
C THR A 72 -3.24 15.83 -6.76
N THR A 73 -2.55 15.81 -7.89
CA THR A 73 -2.81 14.84 -8.93
C THR A 73 -2.26 13.47 -8.59
N GLN A 74 -2.65 12.44 -9.34
CA GLN A 74 -2.05 11.13 -9.16
C GLN A 74 -0.54 11.20 -9.37
N GLU A 75 -0.13 11.71 -10.53
CA GLU A 75 1.28 11.86 -10.83
C GLU A 75 2.02 12.57 -9.69
N GLN A 76 1.37 13.57 -9.08
CA GLN A 76 1.91 14.20 -7.88
C GLN A 76 1.99 13.24 -6.68
N VAL A 77 0.93 12.45 -6.46
CA VAL A 77 0.92 11.47 -5.38
C VAL A 77 1.99 10.37 -5.59
N TYR A 78 2.12 9.90 -6.82
CA TYR A 78 3.11 8.87 -7.11
C TYR A 78 4.52 9.33 -6.73
N ASN A 79 4.90 10.51 -7.19
CA ASN A 79 6.26 10.96 -6.98
C ASN A 79 6.55 11.13 -5.51
N ALA A 80 5.54 11.50 -4.73
CA ALA A 80 5.74 11.73 -3.30
C ALA A 80 5.80 10.44 -2.50
N CYS A 81 5.16 9.37 -2.98
CA CYS A 81 5.02 8.18 -2.14
C CYS A 81 5.68 6.90 -2.65
N ALA A 82 5.67 6.70 -3.96
CA ALA A 82 6.07 5.41 -4.55
C ALA A 82 7.42 5.43 -5.24
N LYS A 83 7.67 6.49 -6.00
CA LYS A 83 8.79 6.48 -6.94
C LYS A 83 10.10 6.09 -6.27
N GLN A 84 10.29 6.50 -5.02
CA GLN A 84 11.52 6.21 -4.33
C GLN A 84 11.59 4.74 -3.93
N ILE A 85 10.49 4.24 -3.42
CA ILE A 85 10.35 2.81 -3.13
C ILE A 85 10.62 1.95 -4.37
N VAL A 86 10.10 2.37 -5.51
CA VAL A 86 10.29 1.60 -6.73
C VAL A 86 11.76 1.50 -7.07
N LYS A 87 12.49 2.60 -6.89
CA LYS A 87 13.87 2.61 -7.33
C LYS A 87 14.71 1.58 -6.57
N ASP A 88 14.50 1.40 -5.27
CA ASP A 88 15.40 0.47 -4.62
C ASP A 88 14.77 -0.91 -4.31
N VAL A 89 13.56 -1.15 -4.80
CA VAL A 89 13.13 -2.53 -5.02
C VAL A 89 13.98 -3.08 -6.16
N LEU A 90 14.14 -2.27 -7.21
CA LEU A 90 15.02 -2.63 -8.30
C LEU A 90 16.48 -2.80 -7.87
N GLU A 91 16.76 -2.51 -6.60
CA GLU A 91 18.10 -2.65 -6.07
C GLU A 91 18.17 -3.63 -4.90
N GLY A 92 17.24 -4.58 -4.86
CA GLY A 92 17.27 -5.61 -3.83
C GLY A 92 16.63 -5.32 -2.47
N TYR A 93 15.88 -4.22 -2.35
CA TYR A 93 15.24 -3.92 -1.06
C TYR A 93 13.74 -4.17 -1.11
N ASN A 94 13.14 -4.38 0.06
CA ASN A 94 11.70 -4.60 0.15
C ASN A 94 10.96 -3.34 0.60
N GLY A 95 9.71 -3.22 0.16
CA GLY A 95 8.93 -2.03 0.47
C GLY A 95 7.45 -2.30 0.58
N THR A 96 6.78 -1.49 1.38
CA THR A 96 5.35 -1.60 1.50
C THR A 96 4.69 -0.23 1.36
N ILE A 97 3.59 -0.18 0.63
CA ILE A 97 2.80 1.01 0.62
C ILE A 97 1.41 0.69 1.07
N PHE A 98 0.96 1.39 2.10
CA PHE A 98 -0.36 1.19 2.67
C PHE A 98 -1.32 2.30 2.28
N ALA A 99 -2.58 1.97 2.07
CA ALA A 99 -3.58 3.02 1.89
C ALA A 99 -4.60 2.82 2.96
N TYR A 100 -4.83 3.88 3.72
CA TYR A 100 -5.63 3.82 4.94
C TYR A 100 -6.72 4.87 4.87
N GLY A 101 -7.71 4.78 5.75
CA GLY A 101 -8.81 5.72 5.77
C GLY A 101 -10.15 5.02 5.77
N GLN A 102 -11.20 5.79 6.06
CA GLN A 102 -12.57 5.25 6.07
C GLN A 102 -12.98 4.87 4.67
N THR A 103 -14.08 4.15 4.56
CA THR A 103 -14.64 3.87 3.25
C THR A 103 -15.04 5.19 2.61
N SER A 104 -14.70 5.33 1.32
CA SER A 104 -14.98 6.50 0.47
C SER A 104 -13.84 7.50 0.46
N SER A 105 -12.87 7.32 1.35
CA SER A 105 -11.82 8.32 1.49
C SER A 105 -10.92 8.42 0.26
N GLY A 106 -10.87 7.38 -0.56
CA GLY A 106 -10.06 7.41 -1.76
C GLY A 106 -8.87 6.45 -1.74
N LYS A 107 -8.91 5.45 -0.89
CA LYS A 107 -7.86 4.43 -0.85
C LYS A 107 -7.72 3.76 -2.22
N THR A 108 -8.83 3.38 -2.82
CA THR A 108 -8.74 2.63 -4.05
C THR A 108 -8.49 3.59 -5.22
N HIS A 109 -8.93 4.84 -5.08
CA HIS A 109 -8.54 5.88 -6.04
C HIS A 109 -7.03 6.05 -6.04
N THR A 110 -6.46 6.13 -4.85
CA THR A 110 -5.02 6.31 -4.68
C THR A 110 -4.19 5.13 -5.20
N MET A 111 -4.59 3.91 -4.86
CA MET A 111 -3.76 2.76 -5.21
C MET A 111 -3.95 2.25 -6.64
N GLU A 112 -5.15 2.25 -7.20
CA GLU A 112 -5.19 1.73 -8.57
C GLU A 112 -5.75 2.72 -9.58
N GLY A 113 -6.69 3.56 -9.15
CA GLY A 113 -7.16 4.67 -9.97
C GLY A 113 -7.96 4.17 -11.15
N LYS A 114 -7.90 4.90 -12.27
CA LYS A 114 -8.44 4.45 -13.55
C LYS A 114 -7.30 3.87 -14.39
N LEU A 115 -7.13 2.54 -14.31
CA LEU A 115 -5.91 1.85 -14.77
C LEU A 115 -5.36 2.27 -16.14
N HIS A 116 -6.20 2.79 -17.03
CA HIS A 116 -5.70 3.07 -18.38
C HIS A 116 -5.83 4.52 -18.85
N ASP A 117 -6.28 5.41 -17.97
CA ASP A 117 -6.17 6.84 -18.20
C ASP A 117 -4.75 7.28 -17.84
N PRO A 118 -4.05 7.97 -18.76
CA PRO A 118 -2.65 8.26 -18.40
C PRO A 118 -2.55 9.27 -17.26
N GLN A 119 -3.67 9.90 -16.98
CA GLN A 119 -3.73 10.97 -16.01
C GLN A 119 -4.40 10.50 -14.74
N LEU A 120 -5.39 9.64 -14.89
CA LEU A 120 -6.18 9.28 -13.73
C LEU A 120 -5.77 7.96 -13.10
N MET A 121 -4.76 7.31 -13.65
CA MET A 121 -4.31 6.04 -13.09
C MET A 121 -3.52 6.29 -11.80
N GLY A 122 -3.64 5.38 -10.84
CA GLY A 122 -3.02 5.54 -9.55
C GLY A 122 -1.67 4.88 -9.41
N ILE A 123 -1.34 4.51 -8.18
CA ILE A 123 0.01 4.06 -7.86
C ILE A 123 0.45 2.78 -8.58
N ILE A 124 -0.33 1.70 -8.44
CA ILE A 124 0.08 0.41 -8.96
C ILE A 124 0.36 0.45 -10.46
N PRO A 125 -0.58 0.99 -11.28
CA PRO A 125 -0.23 1.10 -12.71
C PRO A 125 1.01 1.96 -12.94
N ARG A 126 1.22 2.94 -12.07
CA ARG A 126 2.33 3.82 -12.30
C ARG A 126 3.61 3.08 -11.94
N ILE A 127 3.60 2.37 -10.83
CA ILE A 127 4.71 1.48 -10.49
C ILE A 127 5.04 0.52 -11.65
N ALA A 128 4.00 -0.03 -12.26
CA ALA A 128 4.19 -0.91 -13.40
C ALA A 128 5.01 -0.24 -14.49
N HIS A 129 4.50 0.87 -15.04
CA HIS A 129 5.19 1.57 -16.12
C HIS A 129 6.61 1.97 -15.73
N ASP A 130 6.78 2.32 -14.46
CA ASP A 130 8.05 2.78 -14.00
C ASP A 130 9.06 1.66 -14.05
N ILE A 131 8.68 0.49 -13.54
CA ILE A 131 9.54 -0.70 -13.49
C ILE A 131 10.09 -1.09 -14.84
N PHE A 132 9.21 -1.15 -15.83
CA PHE A 132 9.63 -1.62 -17.12
C PHE A 132 10.38 -0.57 -17.89
N ASP A 133 10.62 0.58 -17.26
CA ASP A 133 11.38 1.63 -17.91
C ASP A 133 12.81 1.70 -17.38
N HIS A 134 13.03 1.51 -16.08
CA HIS A 134 14.43 1.35 -15.65
C HIS A 134 15.03 0.14 -16.33
N ILE A 135 14.30 -0.96 -16.27
CA ILE A 135 14.75 -2.22 -16.83
C ILE A 135 15.16 -2.04 -18.29
N TYR A 136 14.39 -1.25 -19.03
CA TYR A 136 14.54 -1.20 -20.48
C TYR A 136 15.37 -0.02 -20.98
N SER A 137 16.10 0.60 -20.08
CA SER A 137 17.02 1.64 -20.52
C SER A 137 18.41 1.05 -20.44
N MET A 138 18.47 -0.23 -20.05
CA MET A 138 19.75 -0.86 -19.74
C MET A 138 20.03 -2.20 -20.46
N ASP A 139 19.28 -3.28 -20.14
CA ASP A 139 19.75 -4.70 -20.29
C ASP A 139 20.38 -5.05 -21.69
N GLU A 140 21.72 -5.06 -21.87
CA GLU A 140 22.89 -4.92 -20.93
C GLU A 140 23.40 -6.30 -20.55
N ASN A 141 22.82 -6.97 -19.56
CA ASN A 141 23.31 -8.26 -19.10
C ASN A 141 22.47 -8.68 -17.95
N LEU A 142 21.40 -7.93 -17.75
CA LEU A 142 20.46 -8.16 -16.67
C LEU A 142 19.24 -8.82 -17.25
N GLU A 143 18.86 -9.93 -16.64
CA GLU A 143 17.69 -10.62 -17.11
C GLU A 143 16.75 -10.77 -15.91
N PHE A 144 15.53 -10.26 -16.05
CA PHE A 144 14.61 -10.18 -14.92
C PHE A 144 13.50 -11.25 -14.92
N ALA A 145 13.02 -11.57 -13.72
CA ALA A 145 11.82 -12.35 -13.55
C ALA A 145 10.92 -11.57 -12.64
N ILE A 146 9.79 -11.12 -13.17
CA ILE A 146 8.85 -10.38 -12.36
C ILE A 146 7.55 -11.17 -12.16
N LYS A 147 7.28 -11.56 -10.91
CA LYS A 147 6.07 -12.30 -10.63
C LYS A 147 5.21 -11.57 -9.59
N VAL A 148 3.90 -11.67 -9.76
CA VAL A 148 2.99 -10.97 -8.87
C VAL A 148 1.94 -11.89 -8.21
N SER A 149 1.65 -11.60 -6.95
CA SER A 149 0.61 -12.30 -6.23
C SER A 149 -0.43 -11.31 -5.69
N TYR A 150 -1.68 -11.73 -5.71
CA TYR A 150 -2.79 -10.83 -5.40
C TYR A 150 -3.78 -11.58 -4.54
N PHE A 151 -3.85 -11.22 -3.27
CA PHE A 151 -4.72 -11.92 -2.35
C PHE A 151 -5.32 -11.02 -1.29
N GLU A 152 -6.58 -11.27 -0.93
CA GLU A 152 -7.23 -10.49 0.11
C GLU A 152 -7.21 -11.22 1.46
N ILE A 153 -7.25 -10.44 2.53
CA ILE A 153 -7.52 -11.01 3.84
C ILE A 153 -8.92 -10.61 4.29
N TYR A 154 -9.87 -11.52 4.18
CA TYR A 154 -11.24 -11.28 4.64
C TYR A 154 -11.60 -12.15 5.82
N LEU A 155 -12.09 -11.54 6.90
CA LEU A 155 -12.46 -12.25 8.14
C LEU A 155 -11.36 -13.18 8.68
N ASP A 156 -10.13 -12.69 8.65
CA ASP A 156 -8.93 -13.34 9.19
C ASP A 156 -8.52 -14.56 8.41
N LYS A 157 -9.16 -14.82 7.27
CA LYS A 157 -8.72 -15.89 6.38
C LYS A 157 -8.06 -15.30 5.12
N ILE A 158 -7.12 -16.03 4.55
CA ILE A 158 -6.39 -15.52 3.42
C ILE A 158 -6.91 -16.08 2.11
N ARG A 159 -7.84 -15.37 1.49
CA ARG A 159 -8.32 -15.76 0.18
C ARG A 159 -7.40 -15.27 -0.93
N ASP A 160 -7.00 -16.19 -1.82
CA ASP A 160 -6.13 -15.90 -2.96
C ASP A 160 -6.99 -15.44 -4.11
N LEU A 161 -6.86 -14.18 -4.52
CA LEU A 161 -7.73 -13.65 -5.56
C LEU A 161 -7.38 -14.10 -6.97
N LEU A 162 -6.35 -14.92 -7.11
CA LEU A 162 -5.90 -15.39 -8.42
C LEU A 162 -6.29 -16.84 -8.66
N ASP A 163 -6.88 -17.43 -7.62
CA ASP A 163 -7.24 -18.84 -7.60
C ASP A 163 -8.34 -19.05 -6.57
N VAL A 164 -9.60 -19.00 -7.03
CA VAL A 164 -10.75 -19.10 -6.15
C VAL A 164 -10.83 -20.42 -5.40
N SER A 165 -10.08 -21.41 -5.85
CA SER A 165 -9.91 -22.62 -5.06
C SER A 165 -9.45 -22.31 -3.64
N LYS A 166 -8.45 -21.44 -3.55
CA LYS A 166 -7.74 -21.24 -2.29
C LYS A 166 -8.34 -20.14 -1.42
N THR A 167 -8.84 -20.58 -0.26
CA THR A 167 -9.30 -19.74 0.83
C THR A 167 -8.60 -20.27 2.07
N ASN A 168 -8.71 -19.52 3.17
CA ASN A 168 -7.99 -19.86 4.40
C ASN A 168 -6.58 -20.43 4.13
N LEU A 169 -5.79 -19.71 3.34
CA LEU A 169 -4.40 -20.07 3.11
C LEU A 169 -3.61 -19.95 4.41
N ALA A 170 -2.46 -20.64 4.45
CA ALA A 170 -1.71 -20.80 5.67
C ALA A 170 -0.41 -20.01 5.68
N VAL A 171 -0.08 -19.50 6.87
CA VAL A 171 1.14 -18.74 7.09
C VAL A 171 2.22 -19.55 7.79
N HIS A 172 3.08 -20.19 7.01
CA HIS A 172 4.23 -20.87 7.58
C HIS A 172 5.37 -19.87 7.76
N GLU A 173 6.38 -20.23 8.54
CA GLU A 173 7.59 -19.44 8.65
C GLU A 173 8.74 -20.19 7.99
N ASP A 174 9.49 -19.51 7.12
CA ASP A 174 10.45 -20.18 6.25
C ASP A 174 11.62 -20.83 6.98
N LYS A 175 12.12 -21.89 6.33
CA LYS A 175 13.46 -22.47 6.49
C LYS A 175 14.27 -21.78 7.57
N ASN A 176 14.48 -20.51 7.25
CA ASN A 176 15.31 -19.61 7.97
C ASN A 176 14.40 -18.49 8.55
N ARG A 177 13.78 -18.80 9.71
CA ARG A 177 13.03 -17.88 10.61
C ARG A 177 11.75 -17.06 10.17
N VAL A 178 11.65 -16.52 8.96
CA VAL A 178 10.63 -15.45 8.71
C VAL A 178 9.45 -15.83 7.78
N PRO A 179 8.22 -15.51 8.21
CA PRO A 179 6.94 -15.90 7.61
C PRO A 179 6.79 -15.78 6.09
N TYR A 180 5.90 -16.59 5.53
CA TYR A 180 5.52 -16.53 4.12
C TYR A 180 4.12 -17.11 3.94
N VAL A 181 3.60 -17.07 2.71
CA VAL A 181 2.24 -17.54 2.44
C VAL A 181 2.29 -18.73 1.50
N LYS A 182 2.03 -19.90 2.05
CA LYS A 182 2.28 -21.15 1.34
C LYS A 182 1.32 -21.33 0.18
N GLY A 183 1.90 -21.48 -1.01
CA GLY A 183 1.13 -21.85 -2.18
C GLY A 183 0.21 -20.78 -2.69
N CYS A 184 0.58 -19.53 -2.49
CA CYS A 184 -0.17 -18.41 -3.06
C CYS A 184 0.14 -18.30 -4.55
N THR A 185 -0.88 -18.22 -5.39
CA THR A 185 -0.63 -18.19 -6.83
C THR A 185 0.33 -17.07 -7.20
N GLU A 186 1.25 -17.38 -8.09
CA GLU A 186 2.14 -16.39 -8.66
C GLU A 186 1.86 -16.29 -10.15
N ARG A 187 2.07 -15.12 -10.71
CA ARG A 187 1.76 -14.95 -12.11
C ARG A 187 2.84 -14.06 -12.68
N PHE A 188 3.65 -14.64 -13.53
CA PHE A 188 4.76 -13.91 -14.08
C PHE A 188 4.22 -12.92 -15.10
N VAL A 189 4.71 -11.69 -15.04
CA VAL A 189 4.31 -10.67 -15.99
C VAL A 189 5.55 -10.21 -16.74
N SER A 190 5.38 -9.40 -17.77
CA SER A 190 6.52 -8.91 -18.51
C SER A 190 6.20 -7.65 -19.27
N SER A 191 5.04 -7.08 -19.01
CA SER A 191 4.72 -5.77 -19.54
C SER A 191 3.93 -5.03 -18.47
N PRO A 192 3.90 -3.70 -18.55
CA PRO A 192 3.06 -2.98 -17.59
C PRO A 192 1.59 -3.40 -17.71
N GLU A 193 1.09 -3.66 -18.92
CA GLU A 193 -0.33 -3.97 -19.03
C GLU A 193 -0.66 -5.38 -18.50
N GLU A 194 0.30 -6.29 -18.62
CA GLU A 194 0.13 -7.59 -18.00
C GLU A 194 0.04 -7.49 -16.48
N VAL A 195 0.64 -6.46 -15.92
CA VAL A 195 0.49 -6.17 -14.50
C VAL A 195 -0.94 -5.74 -14.25
N MET A 196 -1.47 -4.91 -15.16
CA MET A 196 -2.85 -4.46 -15.04
C MET A 196 -3.81 -5.63 -15.07
N ASP A 197 -3.55 -6.56 -15.98
CA ASP A 197 -4.35 -7.77 -16.12
C ASP A 197 -4.54 -8.53 -14.82
N VAL A 198 -3.45 -8.71 -14.07
CA VAL A 198 -3.55 -9.46 -12.83
C VAL A 198 -4.49 -8.75 -11.83
N ILE A 199 -4.55 -7.43 -11.86
CA ILE A 199 -5.46 -6.70 -10.98
C ILE A 199 -6.89 -6.98 -11.39
N ASP A 200 -7.10 -7.02 -12.71
CA ASP A 200 -8.40 -7.31 -13.27
C ASP A 200 -8.85 -8.74 -12.97
N GLU A 201 -7.95 -9.70 -13.24
CA GLU A 201 -8.20 -11.10 -12.98
C GLU A 201 -8.70 -11.29 -11.53
N GLY A 202 -8.04 -10.63 -10.58
CA GLY A 202 -8.44 -10.73 -9.19
C GLY A 202 -9.78 -10.05 -8.91
N LYS A 203 -10.00 -8.89 -9.53
CA LYS A 203 -11.26 -8.17 -9.35
C LYS A 203 -12.38 -9.05 -9.85
N SER A 204 -12.02 -9.89 -10.83
CA SER A 204 -12.95 -10.79 -11.47
C SER A 204 -13.20 -12.10 -10.68
N ASN A 205 -12.28 -12.46 -9.79
CA ASN A 205 -12.45 -13.62 -8.93
C ASN A 205 -13.01 -13.21 -7.60
N ARG A 206 -13.03 -11.91 -7.36
CA ARG A 206 -13.35 -11.36 -6.05
C ARG A 206 -14.81 -11.39 -5.69
N HIS A 207 -15.11 -11.91 -4.51
CA HIS A 207 -16.48 -12.05 -4.02
C HIS A 207 -17.29 -10.73 -4.08
N VAL A 208 -18.62 -10.83 -4.10
CA VAL A 208 -19.43 -9.61 -4.11
C VAL A 208 -20.49 -9.49 -2.97
N ALA A 209 -21.52 -10.32 -2.92
CA ALA A 209 -22.60 -10.04 -1.95
C ALA A 209 -23.45 -11.24 -1.56
N GLU A 215 -18.99 -3.12 -1.60
CA GLU A 215 -18.96 -3.28 -0.16
C GLU A 215 -17.99 -4.39 0.31
N HIS A 216 -17.95 -5.53 -0.39
CA HIS A 216 -17.08 -6.63 0.07
C HIS A 216 -15.62 -6.21 0.15
N SER A 217 -15.15 -5.48 -0.87
CA SER A 217 -13.80 -4.96 -0.88
C SER A 217 -13.64 -3.90 0.23
N SER A 218 -14.71 -3.18 0.52
CA SER A 218 -14.68 -2.17 1.57
C SER A 218 -14.40 -2.79 2.96
N ARG A 219 -14.52 -4.11 3.06
CA ARG A 219 -14.39 -4.79 4.36
C ARG A 219 -13.26 -5.82 4.40
N SER A 220 -12.40 -5.81 3.39
CA SER A 220 -11.27 -6.73 3.30
C SER A 220 -10.00 -6.04 2.83
N HIS A 221 -8.86 -6.56 3.29
CA HIS A 221 -7.54 -6.05 2.90
C HIS A 221 -7.10 -6.62 1.58
N SER A 222 -6.70 -5.79 0.64
CA SER A 222 -6.07 -6.25 -0.61
C SER A 222 -4.56 -6.16 -0.54
N ILE A 223 -3.89 -7.28 -0.74
CA ILE A 223 -2.44 -7.26 -0.83
C ILE A 223 -1.98 -7.57 -2.27
N PHE A 224 -1.17 -6.69 -2.84
CA PHE A 224 -0.69 -6.85 -4.20
C PHE A 224 0.82 -6.92 -4.15
N LEU A 225 1.39 -8.06 -4.56
CA LEU A 225 2.82 -8.26 -4.42
C LEU A 225 3.52 -8.21 -5.75
N ILE A 226 4.50 -7.33 -5.90
CA ILE A 226 5.32 -7.39 -7.11
C ILE A 226 6.73 -7.83 -6.76
N ASN A 227 7.08 -9.03 -7.19
CA ASN A 227 8.36 -9.62 -6.87
C ASN A 227 9.34 -9.50 -8.03
N ILE A 228 10.35 -8.66 -7.87
CA ILE A 228 11.35 -8.52 -8.92
C ILE A 228 12.63 -9.24 -8.60
N LYS A 229 13.00 -10.17 -9.46
CA LYS A 229 14.23 -10.90 -9.31
C LYS A 229 15.08 -10.56 -10.52
N GLN A 230 16.37 -10.38 -10.30
CA GLN A 230 17.28 -10.12 -11.42
C GLN A 230 18.57 -10.90 -11.27
N GLU A 231 19.13 -11.33 -12.40
CA GLU A 231 20.42 -12.00 -12.43
C GLU A 231 21.35 -11.28 -13.39
N ASN A 232 22.59 -11.13 -12.97
CA ASN A 232 23.63 -10.79 -13.93
C ASN A 232 23.98 -12.02 -14.75
N VAL A 233 23.99 -11.84 -16.06
CA VAL A 233 24.17 -12.96 -16.95
C VAL A 233 25.65 -13.40 -17.03
N GLU A 234 26.58 -12.50 -16.73
CA GLU A 234 28.02 -12.81 -16.66
C GLU A 234 28.49 -13.16 -15.27
N THR A 235 28.47 -12.17 -14.39
CA THR A 235 28.94 -12.33 -13.03
C THR A 235 28.15 -13.38 -12.27
N GLU A 236 26.97 -13.72 -12.80
CA GLU A 236 26.04 -14.67 -12.20
C GLU A 236 25.33 -14.11 -10.98
N LYS A 237 25.92 -13.16 -10.28
CA LYS A 237 25.30 -12.66 -9.05
C LYS A 237 23.91 -12.08 -9.33
N LYS A 238 23.04 -12.17 -8.32
CA LYS A 238 21.64 -11.81 -8.50
C LYS A 238 21.03 -11.11 -7.28
N LEU A 239 20.04 -10.23 -7.54
CA LEU A 239 19.27 -9.54 -6.50
C LEU A 239 17.78 -9.91 -6.52
N SER A 240 17.13 -9.73 -5.38
CA SER A 240 15.70 -9.98 -5.26
C SER A 240 15.06 -8.86 -4.43
N GLY A 241 14.00 -8.28 -4.95
CA GLY A 241 13.27 -7.26 -4.21
C GLY A 241 11.79 -7.54 -4.23
N LYS A 242 11.11 -7.20 -3.14
CA LYS A 242 9.66 -7.35 -3.01
C LYS A 242 8.98 -6.02 -2.76
N LEU A 243 7.92 -5.73 -3.53
CA LEU A 243 7.12 -4.53 -3.28
C LEU A 243 5.63 -4.88 -3.07
N TYR A 244 5.19 -4.71 -1.83
CA TYR A 244 3.79 -4.93 -1.44
C TYR A 244 2.95 -3.65 -1.47
N LEU A 245 1.86 -3.71 -2.22
CA LEU A 245 0.91 -2.62 -2.29
C LEU A 245 -0.39 -3.02 -1.64
N VAL A 246 -0.69 -2.44 -0.50
CA VAL A 246 -1.84 -2.87 0.30
C VAL A 246 -3.03 -1.88 0.39
N ASP A 247 -4.24 -2.36 0.06
CA ASP A 247 -5.44 -1.55 0.10
C ASP A 247 -6.26 -1.95 1.29
N LEU A 248 -5.99 -1.33 2.44
CA LEU A 248 -6.59 -1.69 3.72
C LEU A 248 -8.11 -1.47 3.73
N ALA A 249 -8.78 -2.25 4.57
CA ALA A 249 -10.23 -2.12 4.73
C ALA A 249 -10.56 -0.91 5.59
N GLY A 250 -11.62 -0.20 5.23
CA GLY A 250 -12.06 1.00 5.91
C GLY A 250 -11.98 0.97 7.42
N SER A 251 -11.54 2.09 7.99
CA SER A 251 -11.23 2.13 9.41
C SER A 251 -12.41 2.63 10.25
N GLU A 252 -13.59 2.73 9.64
CA GLU A 252 -14.73 3.38 10.30
C GLU A 252 -15.38 2.48 11.33
N LYS A 253 -16.38 3.01 12.04
CA LYS A 253 -16.92 2.34 13.22
C LYS A 253 -18.44 2.10 13.18
N VAL A 254 -19.18 2.98 12.49
CA VAL A 254 -20.65 2.89 12.29
C VAL A 254 -21.45 2.44 13.53
N LYS A 268 -16.61 -6.48 7.65
CA LYS A 268 -17.86 -6.95 8.19
C LYS A 268 -17.69 -7.52 9.62
N ASN A 269 -16.56 -7.19 10.26
CA ASN A 269 -16.43 -7.39 11.70
C ASN A 269 -15.25 -6.62 12.31
N ILE A 270 -14.15 -7.33 12.54
CA ILE A 270 -13.00 -6.84 13.29
C ILE A 270 -11.68 -7.41 12.67
N ASN A 271 -10.66 -6.67 12.22
CA ASN A 271 -10.31 -5.21 12.34
C ASN A 271 -9.77 -4.83 13.73
N LYS A 272 -9.34 -5.86 14.45
CA LYS A 272 -8.25 -5.79 15.41
C LYS A 272 -6.99 -5.65 14.59
N SER A 273 -7.15 -5.99 13.31
CA SER A 273 -6.07 -6.08 12.34
C SER A 273 -5.33 -4.76 12.21
N LEU A 274 -6.08 -3.72 11.87
CA LEU A 274 -5.55 -2.36 11.77
C LEU A 274 -4.84 -1.95 13.06
N SER A 275 -5.23 -2.58 14.17
CA SER A 275 -4.61 -2.28 15.45
C SER A 275 -3.28 -2.99 15.54
N ALA A 276 -3.23 -4.24 15.08
CA ALA A 276 -1.98 -4.98 14.99
C ALA A 276 -1.00 -4.21 14.11
N LEU A 277 -1.52 -3.75 12.98
CA LEU A 277 -0.77 -2.92 12.05
C LEU A 277 -0.18 -1.70 12.77
N GLY A 278 -1.07 -0.94 13.40
CA GLY A 278 -0.66 0.22 14.15
C GLY A 278 0.39 -0.13 15.15
N ASN A 279 0.14 -1.19 15.92
CA ASN A 279 1.08 -1.66 16.92
C ASN A 279 2.49 -1.85 16.35
N VAL A 280 2.56 -2.53 15.23
CA VAL A 280 3.83 -2.76 14.55
C VAL A 280 4.56 -1.45 14.20
N ILE A 281 3.83 -0.54 13.56
CA ILE A 281 4.42 0.68 13.01
C ILE A 281 4.98 1.56 14.11
N SER A 282 4.17 1.80 15.13
CA SER A 282 4.59 2.67 16.22
C SER A 282 5.76 2.05 16.97
N ALA A 283 5.79 0.72 17.03
CA ALA A 283 6.87 -0.01 17.70
C ALA A 283 8.20 0.22 17.00
N LEU A 284 8.22 -0.06 15.69
CA LEU A 284 9.38 0.21 14.85
C LEU A 284 9.93 1.62 15.03
N ALA A 285 9.02 2.60 15.03
CA ALA A 285 9.36 4.02 15.09
C ALA A 285 9.70 4.56 16.49
N GLU A 286 10.12 3.69 17.41
CA GLU A 286 10.54 4.13 18.73
C GLU A 286 11.97 3.65 19.01
N GLY A 287 12.35 2.52 18.42
CA GLY A 287 13.64 1.94 18.71
C GLY A 287 13.66 1.13 19.99
N THR A 288 12.57 0.40 20.28
CA THR A 288 12.64 -0.64 21.31
C THR A 288 13.42 -1.78 20.73
N THR A 289 12.86 -2.97 20.88
CA THR A 289 13.63 -4.15 20.52
C THR A 289 12.75 -5.25 19.93
N HIS A 290 11.53 -5.44 20.47
CA HIS A 290 10.65 -6.44 19.88
C HIS A 290 9.33 -5.86 19.42
N VAL A 291 8.89 -6.36 18.27
CA VAL A 291 7.81 -5.79 17.48
C VAL A 291 6.68 -6.80 17.32
N PRO A 292 5.45 -6.38 17.62
CA PRO A 292 4.29 -7.28 17.59
C PRO A 292 3.94 -7.79 16.19
N TYR A 293 4.86 -8.45 15.52
CA TYR A 293 4.58 -9.01 14.19
C TYR A 293 3.49 -10.07 14.22
N ARG A 294 3.59 -11.00 15.19
CA ARG A 294 2.72 -12.19 15.20
C ARG A 294 1.26 -11.87 15.53
N ASP A 295 1.01 -10.63 15.94
CA ASP A 295 -0.33 -10.16 16.31
C ASP A 295 -1.43 -10.25 15.25
N SER A 296 -1.07 -10.50 13.99
CA SER A 296 -2.06 -10.68 12.94
C SER A 296 -1.45 -11.38 11.74
N LYS A 297 -2.32 -11.98 10.93
CA LYS A 297 -1.90 -12.70 9.75
C LYS A 297 -1.16 -11.73 8.84
N MET A 298 -1.73 -10.54 8.67
CA MET A 298 -1.18 -9.50 7.78
C MET A 298 0.20 -8.99 8.15
N THR A 299 0.37 -8.56 9.40
CA THR A 299 1.69 -8.15 9.88
C THR A 299 2.67 -9.33 9.97
N ARG A 300 2.14 -10.55 10.03
CA ARG A 300 3.02 -11.71 9.99
C ARG A 300 3.59 -11.85 8.59
N ILE A 301 2.72 -11.99 7.60
CA ILE A 301 3.12 -12.06 6.19
C ILE A 301 4.14 -10.99 5.78
N LEU A 302 3.74 -9.74 5.92
CA LEU A 302 4.51 -8.62 5.43
C LEU A 302 5.80 -8.38 6.21
N GLN A 303 6.03 -9.12 7.28
CA GLN A 303 7.17 -8.86 8.17
C GLN A 303 8.52 -8.63 7.50
N ASP A 304 8.80 -9.32 6.40
CA ASP A 304 10.12 -9.19 5.79
C ASP A 304 10.21 -7.97 4.90
N SER A 305 9.07 -7.32 4.71
CA SER A 305 9.00 -6.11 3.91
C SER A 305 8.45 -4.99 4.77
N LEU A 306 8.76 -5.06 6.05
CA LEU A 306 8.16 -4.16 7.01
C LEU A 306 9.10 -4.00 8.21
N GLY A 307 9.86 -2.90 8.21
CA GLY A 307 10.81 -2.65 9.28
C GLY A 307 12.23 -2.86 8.82
N GLY A 308 13.17 -2.67 9.73
CA GLY A 308 14.59 -2.75 9.41
C GLY A 308 14.98 -1.99 8.17
N ASN A 309 15.82 -2.63 7.38
CA ASN A 309 16.27 -2.20 6.07
C ASN A 309 15.26 -1.63 5.04
N CYS A 310 13.97 -1.74 5.32
CA CYS A 310 12.94 -1.46 4.33
C CYS A 310 12.42 -0.03 4.29
N ARG A 311 11.57 0.23 3.30
CA ARG A 311 10.74 1.42 3.24
C ARG A 311 9.26 1.12 3.40
N THR A 312 8.59 1.74 4.35
CA THR A 312 7.14 1.62 4.35
C THR A 312 6.46 2.97 4.42
N THR A 313 5.74 3.31 3.34
CA THR A 313 4.92 4.52 3.30
C THR A 313 3.43 4.23 3.49
N ILE A 314 2.83 4.83 4.52
CA ILE A 314 1.39 4.81 4.70
C ILE A 314 0.70 6.05 4.17
N VAL A 315 -0.16 5.89 3.18
CA VAL A 315 -0.98 6.95 2.66
C VAL A 315 -2.33 6.99 3.36
N ILE A 316 -2.48 7.82 4.38
CA ILE A 316 -3.78 7.84 5.04
C ILE A 316 -4.70 8.75 4.21
N CYS A 317 -5.88 8.25 3.91
CA CYS A 317 -6.79 8.99 3.03
C CYS A 317 -7.95 9.56 3.81
N CYS A 318 -8.18 10.87 3.67
CA CYS A 318 -9.25 11.54 4.41
C CYS A 318 -10.17 12.33 3.50
N SER A 319 -11.44 12.42 3.92
CA SER A 319 -12.41 13.31 3.30
C SER A 319 -12.39 14.67 3.99
N PRO A 320 -12.57 15.74 3.20
CA PRO A 320 -12.53 17.12 3.71
C PRO A 320 -13.87 17.60 4.24
N SER A 321 -14.94 16.84 3.98
CA SER A 321 -16.28 17.18 4.45
C SER A 321 -16.42 17.21 5.96
N VAL A 322 -17.43 17.94 6.44
CA VAL A 322 -17.89 17.82 7.84
C VAL A 322 -18.49 16.44 8.12
N PHE A 323 -19.32 15.98 7.19
CA PHE A 323 -20.10 14.75 7.36
C PHE A 323 -19.24 13.53 7.67
N ASN A 324 -17.92 13.66 7.47
CA ASN A 324 -16.99 12.58 7.77
C ASN A 324 -15.88 13.00 8.71
N GLU A 325 -16.05 14.15 9.39
CA GLU A 325 -15.08 14.62 10.38
C GLU A 325 -14.94 13.67 11.55
N ALA A 326 -16.05 13.03 11.88
CA ALA A 326 -16.06 11.85 12.74
C ALA A 326 -14.80 11.00 12.55
N GLU A 327 -14.75 10.30 11.41
CA GLU A 327 -13.67 9.39 11.08
C GLU A 327 -12.40 10.10 10.67
N THR A 328 -12.54 11.25 10.01
CA THR A 328 -11.38 12.00 9.54
C THR A 328 -10.37 12.13 10.66
N LYS A 329 -10.83 12.44 11.87
CA LYS A 329 -9.91 12.66 12.97
C LYS A 329 -9.38 11.37 13.54
N SER A 330 -10.22 10.34 13.63
CA SER A 330 -9.75 9.01 14.01
C SER A 330 -8.59 8.62 13.12
N THR A 331 -8.90 8.57 11.82
CA THR A 331 -7.92 8.34 10.76
C THR A 331 -6.66 9.13 10.97
N LEU A 332 -6.81 10.42 11.28
CA LEU A 332 -5.68 11.33 11.46
C LEU A 332 -4.73 10.95 12.57
N MET A 333 -5.23 10.38 13.66
CA MET A 333 -4.35 10.12 14.78
C MET A 333 -3.92 8.67 14.84
N PHE A 334 -4.37 7.90 13.86
CA PHE A 334 -3.86 6.57 13.63
C PHE A 334 -2.33 6.66 13.52
N ALA A 335 -1.84 7.75 12.94
CA ALA A 335 -0.40 7.97 12.78
C ALA A 335 0.26 8.73 13.97
N ALA A 336 1.60 8.68 14.03
CA ALA A 336 2.39 9.40 15.04
C ALA A 336 3.87 9.43 14.65
PB ADP B . -12.28 4.04 -0.74
O1B ADP B . -13.68 3.51 -0.61
O2B ADP B . -11.67 4.49 0.56
O3B ADP B . -11.37 3.21 -1.59
PA ADP B . -12.64 5.16 -3.26
O1A ADP B . -13.74 4.21 -3.66
O2A ADP B . -11.25 4.87 -3.78
O3A ADP B . -12.54 5.32 -1.66
O5' ADP B . -13.10 6.63 -3.73
C5' ADP B . -14.40 7.17 -3.50
C4' ADP B . -14.93 7.81 -4.80
O4' ADP B . -14.45 9.14 -4.98
C3' ADP B . -14.50 7.09 -6.05
O3' ADP B . -15.54 7.32 -6.99
C2' ADP B . -13.25 7.81 -6.48
O2' ADP B . -12.92 7.64 -7.87
C1' ADP B . -13.55 9.24 -6.09
N9 ADP B . -12.31 9.89 -5.59
C8 ADP B . -11.65 9.51 -4.49
N7 ADP B . -10.55 10.27 -4.28
C5 ADP B . -10.50 11.17 -5.28
C6 ADP B . -9.58 12.27 -5.65
N6 ADP B . -8.50 12.54 -4.88
N1 ADP B . -9.88 12.98 -6.78
C2 ADP B . -10.96 12.70 -7.54
N3 ADP B . -11.83 11.69 -7.24
C4 ADP B . -11.65 10.91 -6.15
MG MG C . -12.18 0.84 -1.72
#